data_8TKK
#
_entry.id   8TKK
#
_cell.length_a   1.00
_cell.length_b   1.00
_cell.length_c   1.00
_cell.angle_alpha   90.00
_cell.angle_beta   90.00
_cell.angle_gamma   90.00
#
_symmetry.space_group_name_H-M   'P 1'
#
loop_
_entity.id
_entity.type
_entity.pdbx_description
1 polymer 'RNA device 43 truncation mutant 3 (U100C)'
2 non-polymer "GUANOSINE-5'-TRIPHOSPHATE"
3 non-polymer 'MAGNESIUM ION'
#
_entity_poly.entity_id   1
_entity_poly.type   'polyribonucleotide'
_entity_poly.pdbx_seq_one_letter_code
;CAGGUACAUCCAGCUGAUGAGUCCCAAAUAGGACAAAAAGGGAGAGGUGAAGAAUACGACCACCUAGGCUCGAAAGAGCC
UAAAACAUACCCUUCCUGGAUUCCUGC
;
_entity_poly.pdbx_strand_id   A
#
loop_
_chem_comp.id
_chem_comp.type
_chem_comp.name
_chem_comp.formula
A RNA linking ADENOSINE-5'-MONOPHOSPHATE 'C10 H14 N5 O7 P'
C RNA linking CYTIDINE-5'-MONOPHOSPHATE 'C9 H14 N3 O8 P'
G RNA linking GUANOSINE-5'-MONOPHOSPHATE 'C10 H14 N5 O8 P'
GTP non-polymer GUANOSINE-5'-TRIPHOSPHATE 'C10 H16 N5 O14 P3'
MG non-polymer 'MAGNESIUM ION' 'Mg 2'
U RNA linking URIDINE-5'-MONOPHOSPHATE 'C9 H13 N2 O9 P'
#
# COMPACT_ATOMS: atom_id res chain seq x y z
PG GTP B . -3.96 1.48 -5.52
O1G GTP B . -3.84 2.74 -6.34
O2G GTP B . -4.55 0.37 -6.36
O3G GTP B . -2.60 1.07 -5.02
O3B GTP B . -4.92 1.79 -4.27
PB GTP B . -4.59 2.99 -3.26
O1B GTP B . -5.40 2.82 -1.99
O2B GTP B . -3.12 3.02 -2.95
O3A GTP B . -5.03 4.31 -4.06
PA GTP B . -6.52 4.92 -3.98
O1A GTP B . -7.04 4.89 -2.56
O2A GTP B . -7.46 4.18 -4.90
O5' GTP B . -6.37 6.45 -4.43
C5' GTP B . -6.21 6.75 -5.80
C4' GTP B . -5.69 8.18 -5.98
O4' GTP B . -6.66 9.10 -5.52
C3' GTP B . -4.43 8.47 -5.20
O3' GTP B . -3.28 8.21 -5.96
C2' GTP B . -4.55 9.97 -4.92
O2' GTP B . -3.84 10.69 -5.89
C1' GTP B . -6.03 10.27 -5.03
N9 GTP B . -6.55 10.58 -3.68
C8 GTP B . -7.51 9.89 -3.00
N7 GTP B . -7.71 10.48 -1.81
C5 GTP B . -6.89 11.55 -1.71
C6 GTP B . -6.69 12.49 -0.71
O6 GTP B . -7.34 12.43 0.34
N1 GTP B . -5.77 13.50 -0.89
C2 GTP B . -5.05 13.57 -2.06
N2 GTP B . -4.16 14.53 -2.24
N3 GTP B . -5.24 12.62 -3.05
C4 GTP B . -6.15 11.63 -2.88
MG MG C . 39.87 -45.05 20.15
MG MG D . 51.03 -54.98 11.50
MG MG E . 3.07 5.34 2.08
MG MG F . 6.77 4.52 3.00
MG MG G . 9.72 0.60 7.78
MG MG H . -1.21 -17.07 7.10
MG MG I . -5.46 -18.71 17.12
MG MG J . -2.69 -29.00 10.37
MG MG K . 35.21 -49.19 13.32
MG MG L . 38.83 -42.42 29.23
#